data_2KV0
#
_entry.id   2KV0
#
loop_
_entity.id
_entity.type
_entity.pdbx_description
1 polymer "DNA (5'-D(*GP*CP*TP*GP*CP*AP*(2PR)P*AP*CP*GP*TP*CP*G)-3')"
2 polymer "DNA (5'-D(*CP*GP*AP*CP*GP*TP*TP*TP*GP*CP*AP*GP*C)-3')"
#
loop_
_entity_poly.entity_id
_entity_poly.type
_entity_poly.pdbx_seq_one_letter_code
_entity_poly.pdbx_strand_id
1 'polydeoxyribonucleotide' (DG)(DC)(DT)(DG)(DC)(DA)(2PR)(DA)(DC)(DG)(DT)(DC)(DG) A
2 'polydeoxyribonucleotide' (DC)(DG)(DA)(DC)(DG)(DT)(DT)(DT)(DG)(DC)(DA)(DG)(DC) B
#
loop_
_chem_comp.id
_chem_comp.type
_chem_comp.name
_chem_comp.formula
2PR DNA linking 2-AMINO-9-[2-DEOXYRIBOFURANOSYL]-9H-PURINE-5'-MONOPHOSPHATE 'C10 H14 N5 O6 P'
DA DNA linking 2'-DEOXYADENOSINE-5'-MONOPHOSPHATE 'C10 H14 N5 O6 P'
DC DNA linking 2'-DEOXYCYTIDINE-5'-MONOPHOSPHATE 'C9 H14 N3 O7 P'
DG DNA linking 2'-DEOXYGUANOSINE-5'-MONOPHOSPHATE 'C10 H14 N5 O7 P'
DT DNA linking THYMIDINE-5'-MONOPHOSPHATE 'C10 H15 N2 O8 P'
#
# COMPACT_ATOMS: atom_id res chain seq x y z
P 2PR A 7 2.96 1.71 -3.57
OP1 2PR A 7 1.99 2.76 -3.96
OP2 2PR A 7 3.74 0.99 -4.61
O5' 2PR A 7 2.20 0.63 -2.69
C5' 2PR A 7 2.91 -0.26 -1.82
C4' 2PR A 7 1.97 -1.30 -1.26
O4' 2PR A 7 1.37 -0.80 -0.04
C3' 2PR A 7 0.81 -1.70 -2.17
O3' 2PR A 7 0.54 -3.11 -2.03
C2' 2PR A 7 -0.34 -0.86 -1.65
C1' 2PR A 7 -0.04 -0.82 -0.16
N9 2PR A 7 -0.56 0.36 0.53
C8 2PR A 7 -0.47 1.68 0.16
N7 2PR A 7 -1.05 2.51 1.00
C5 2PR A 7 -1.58 1.68 1.98
C6 2PR A 7 -2.31 1.92 3.14
N1 2PR A 7 -2.68 0.87 3.90
C2 2PR A 7 -2.32 -0.35 3.52
N2 2PR A 7 -2.73 -1.30 4.33
N3 2PR A 7 -1.63 -0.72 2.44
C4 2PR A 7 -1.28 0.35 1.70
H5' 2PR A 7 3.33 0.31 -1.00
H5'' 2PR A 7 3.70 -0.75 -2.37
H4' 2PR A 7 2.56 -2.22 -1.10
H3' 2PR A 7 1.03 -1.48 -3.22
H2' 2PR A 7 -0.35 0.13 -2.10
H2'' 2PR A 7 -1.31 -1.32 -1.86
H1' 2PR A 7 -0.41 -1.71 0.33
H8 2PR A 7 0.04 2.00 -0.74
H6 2PR A 7 -2.59 2.94 3.42
HN21 2PR A 7 -2.50 -2.26 4.11
HN22 2PR A 7 -3.27 -1.07 5.15
P 2PR A 7 2.91 1.99 -3.56
OP1 2PR A 7 1.93 3.05 -3.93
OP2 2PR A 7 3.66 1.30 -4.64
O5' 2PR A 7 2.14 0.90 -2.69
C5' 2PR A 7 2.87 -0.01 -1.86
C4' 2PR A 7 1.95 -1.09 -1.34
O4' 2PR A 7 1.36 -0.65 -0.10
C3' 2PR A 7 0.78 -1.45 -2.27
O3' 2PR A 7 0.49 -2.85 -2.16
C2' 2PR A 7 -0.35 -0.60 -1.71
C1' 2PR A 7 -0.06 -0.62 -0.22
N9 2PR A 7 -0.55 0.55 0.50
C8 2PR A 7 -0.43 1.87 0.18
N7 2PR A 7 -1.00 2.69 1.04
C5 2PR A 7 -1.53 1.84 2.00
C6 2PR A 7 -2.25 2.07 3.17
N1 2PR A 7 -2.63 1.00 3.91
C2 2PR A 7 -2.29 -0.22 3.48
N2 2PR A 7 -2.72 -1.19 4.27
N3 2PR A 7 -1.61 -0.57 2.39
C4 2PR A 7 -1.25 0.52 1.69
H5' 2PR A 7 3.30 0.53 -1.01
H5'' 2PR A 7 3.67 -0.47 -2.44
H4' 2PR A 7 2.54 -2.00 -1.23
H3' 2PR A 7 1.01 -1.20 -3.30
H2' 2PR A 7 -0.33 0.41 -2.13
H2'' 2PR A 7 -1.32 -1.04 -1.95
H1' 2PR A 7 -0.45 -1.52 0.24
H8 2PR A 7 0.08 2.22 -0.71
H6 2PR A 7 -2.51 3.08 3.48
HN21 2PR A 7 -2.50 -2.14 4.02
HN22 2PR A 7 -3.26 -0.96 5.10
P 2PR A 7 2.86 1.68 -3.40
OP1 2PR A 7 1.87 2.73 -3.83
OP2 2PR A 7 3.61 0.94 -4.45
O5' 2PR A 7 2.10 0.63 -2.49
C5' 2PR A 7 2.82 -0.25 -1.62
C4' 2PR A 7 1.91 -1.34 -1.09
O4' 2PR A 7 1.31 -0.88 0.13
C3' 2PR A 7 0.75 -1.72 -2.02
O3' 2PR A 7 0.46 -3.12 -1.88
C2' 2PR A 7 -0.39 -0.87 -1.49
C1' 2PR A 7 -0.11 -0.85 0.01
N9 2PR A 7 -0.61 0.34 0.70
C8 2PR A 7 -0.49 1.65 0.34
N7 2PR A 7 -1.05 2.49 1.17
C5 2PR A 7 -1.57 1.66 2.17
C6 2PR A 7 -2.29 1.93 3.35
N1 2PR A 7 -2.65 0.87 4.12
C2 2PR A 7 -2.32 -0.36 3.71
N2 2PR A 7 -2.73 -1.30 4.54
N3 2PR A 7 -1.64 -0.73 2.63
C4 2PR A 7 -1.30 0.33 1.90
H5' 2PR A 7 3.23 0.31 -0.79
H5'' 2PR A 7 3.64 -0.71 -2.18
H4' 2PR A 7 2.52 -2.24 -0.97
H3' 2PR A 7 0.98 -1.49 -3.05
H2' 2PR A 7 -0.37 0.14 -1.92
H2'' 2PR A 7 -1.37 -1.31 -1.72
H1' 2PR A 7 -0.51 -1.74 0.49
H8 2PR A 7 0.01 1.97 -0.56
H6 2PR A 7 -2.55 2.95 3.62
HN21 2PR A 7 -2.52 -2.26 4.32
HN22 2PR A 7 -3.26 -1.06 5.37
P 2PR A 7 2.73 1.68 -3.54
OP1 2PR A 7 1.72 2.69 -3.93
OP2 2PR A 7 3.48 0.95 -4.59
O5' 2PR A 7 2.01 0.60 -2.60
C5' 2PR A 7 2.77 -0.29 -1.79
C4' 2PR A 7 1.89 -1.39 -1.24
O4' 2PR A 7 1.30 -0.94 0.00
C3' 2PR A 7 0.71 -1.78 -2.14
O3' 2PR A 7 0.44 -3.18 -1.98
C2' 2PR A 7 -0.42 -0.93 -1.61
C1' 2PR A 7 -0.11 -0.90 -0.12
N9 2PR A 7 -0.60 0.28 0.57
C8 2PR A 7 -0.49 1.60 0.19
N7 2PR A 7 -1.05 2.45 1.03
C5 2PR A 7 -1.55 1.62 2.03
C6 2PR A 7 -2.25 1.91 3.22
N1 2PR A 7 -2.60 0.86 4.00
C2 2PR A 7 -2.27 -0.37 3.61
N2 2PR A 7 -2.67 -1.31 4.45
N3 2PR A 7 -1.62 -0.76 2.53
C4 2PR A 7 -1.28 0.30 1.78
H5' 2PR A 7 3.23 0.26 -0.96
H5'' 2PR A 7 3.57 -0.74 -2.39
H4' 2PR A 7 2.51 -2.28 -1.12
H3' 2PR A 7 0.94 -1.58 -3.19
H2' 2PR A 7 -0.40 0.07 -2.05
H2'' 2PR A 7 -1.38 -1.38 -1.83
H1' 2PR A 7 -0.52 -1.78 0.38
H8 2PR A 7 0.00 1.91 -0.72
H6 2PR A 7 -2.52 2.93 3.49
HN21 2PR A 7 -2.47 -2.27 4.23
HN22 2PR A 7 -3.19 -1.06 5.29
P 2PR A 7 2.69 1.61 -3.60
OP1 2PR A 7 1.70 2.65 -3.98
OP2 2PR A 7 3.42 0.88 -4.67
O5' 2PR A 7 1.96 0.54 -2.67
C5' 2PR A 7 2.70 -0.36 -1.86
C4' 2PR A 7 1.81 -1.45 -1.31
O4' 2PR A 7 1.23 -1.01 -0.07
C3' 2PR A 7 0.62 -1.81 -2.21
O3' 2PR A 7 0.33 -3.21 -2.09
C2' 2PR A 7 -0.50 -0.96 -1.66
C1' 2PR A 7 -0.19 -0.97 -0.18
N9 2PR A 7 -0.66 0.21 0.55
C8 2PR A 7 -0.55 1.53 0.19
N7 2PR A 7 -1.10 2.37 1.05
C5 2PR A 7 -1.59 1.53 2.04
C6 2PR A 7 -2.29 1.78 3.24
N1 2PR A 7 -2.64 0.73 4.00
C2 2PR A 7 -2.32 -0.50 3.59
N2 2PR A 7 -2.71 -1.45 4.41
N3 2PR A 7 -1.67 -0.87 2.49
C4 2PR A 7 -1.33 0.20 1.75
H5' 2PR A 7 3.14 0.19 -1.02
H5'' 2PR A 7 3.51 -0.80 -2.44
H4' 2PR A 7 2.41 -2.35 -1.22
H3' 2PR A 7 0.83 -1.58 -3.26
H2' 2PR A 7 -0.49 0.04 -2.08
H2'' 2PR A 7 -1.47 -1.39 -1.88
H1' 2PR A 7 -0.59 -1.86 0.30
H8 2PR A 7 -0.06 1.86 -0.71
H6 2PR A 7 -2.55 2.80 3.51
HN21 2PR A 7 -2.50 -2.41 4.17
HN22 2PR A 7 -3.22 -1.21 5.26
P 2PR A 7 3.02 1.52 -3.89
OP1 2PR A 7 2.08 2.63 -4.20
OP2 2PR A 7 3.70 0.81 -5.01
O5' 2PR A 7 2.24 0.44 -3.03
C5' 2PR A 7 2.95 -0.49 -2.20
C4' 2PR A 7 1.98 -1.45 -1.54
O4' 2PR A 7 1.45 -0.83 -0.34
C3' 2PR A 7 0.76 -1.84 -2.39
O3' 2PR A 7 0.48 -3.23 -2.22
C2' 2PR A 7 -0.36 -0.99 -1.82
C1' 2PR A 7 0.03 -0.90 -0.36
N9 2PR A 7 -0.49 0.27 0.34
C8 2PR A 7 -0.41 1.59 -0.02
N7 2PR A 7 -0.99 2.41 0.82
C5 2PR A 7 -1.49 1.58 1.81
C6 2PR A 7 -2.20 1.82 2.99
N1 2PR A 7 -2.55 0.77 3.75
C2 2PR A 7 -2.18 -0.46 3.36
N2 2PR A 7 -2.56 -1.41 4.18
N3 2PR A 7 -1.50 -0.82 2.27
C4 2PR A 7 -1.18 0.26 1.53
H5' 2PR A 7 3.49 0.06 -1.42
H5'' 2PR A 7 3.65 -1.05 -2.81
H4' 2PR A 7 2.53 -2.37 -1.34
H3' 2PR A 7 0.94 -1.63 -3.44
H2' 2PR A 7 -0.39 0.00 -2.30
H2'' 2PR A 7 -1.33 -1.46 -1.96
H1' 2PR A 7 -0.26 -1.80 0.19
H8 2PR A 7 0.09 1.92 -0.92
H6 2PR A 7 -2.49 2.84 3.26
HN21 2PR A 7 -2.33 -2.37 3.96
HN22 2PR A 7 -3.10 -1.18 5.01
P 2PR A 7 2.79 1.79 -3.57
OP1 2PR A 7 1.80 2.82 -3.95
OP2 2PR A 7 3.53 1.07 -4.64
O5' 2PR A 7 2.06 0.71 -2.65
C5' 2PR A 7 2.81 -0.18 -1.83
C4' 2PR A 7 1.91 -1.27 -1.29
O4' 2PR A 7 1.33 -0.81 -0.03
C3' 2PR A 7 0.73 -1.66 -2.18
O3' 2PR A 7 0.46 -3.05 -2.04
C2' 2PR A 7 -0.40 -0.81 -1.64
C1' 2PR A 7 -0.09 -0.79 -0.14
N9 2PR A 7 -0.58 0.39 0.57
C8 2PR A 7 -0.46 1.71 0.21
N7 2PR A 7 -1.03 2.54 1.06
C5 2PR A 7 -1.53 1.70 2.05
C6 2PR A 7 -2.25 1.96 3.23
N1 2PR A 7 -2.60 0.90 3.99
C2 2PR A 7 -2.27 -0.33 3.58
N2 2PR A 7 -2.68 -1.28 4.40
N3 2PR A 7 -1.61 -0.70 2.49
C4 2PR A 7 -1.26 0.38 1.76
H5' 2PR A 7 3.24 0.38 -0.99
H5'' 2PR A 7 3.61 -0.64 -2.42
H4' 2PR A 7 2.52 -2.17 -1.16
H3' 2PR A 7 0.95 -1.42 -3.22
H2' 2PR A 7 -0.38 0.19 -2.06
H2'' 2PR A 7 -1.37 -1.25 -1.85
H1' 2PR A 7 -0.48 -1.68 0.34
H8 2PR A 7 0.02 2.03 -0.69
H6 2PR A 7 -2.51 2.97 3.52
HN21 2PR A 7 -2.47 -2.24 4.16
HN22 2PR A 7 -3.19 -1.05 5.24
P 2PR A 7 2.71 1.68 -3.57
OP1 2PR A 7 1.73 2.72 -3.94
OP2 2PR A 7 3.45 0.94 -4.63
O5' 2PR A 7 1.99 0.60 -2.65
C5' 2PR A 7 2.73 -0.30 -1.82
C4' 2PR A 7 1.84 -1.38 -1.28
O4' 2PR A 7 1.25 -0.93 -0.03
C3' 2PR A 7 0.66 -1.76 -2.18
O3' 2PR A 7 0.37 -3.16 -2.05
C2' 2PR A 7 -0.47 -0.90 -1.62
C1' 2PR A 7 -0.16 -0.90 -0.14
N9 2PR A 7 -0.64 0.28 0.57
C8 2PR A 7 -0.53 1.60 0.22
N7 2PR A 7 -1.08 2.43 1.06
C5 2PR A 7 -1.58 1.60 2.06
C6 2PR A 7 -2.27 1.86 3.25
N1 2PR A 7 -2.63 0.81 4.02
C2 2PR A 7 -2.30 -0.41 3.62
N2 2PR A 7 -2.70 -1.36 4.44
N3 2PR A 7 -1.65 -0.79 2.51
C4 2PR A 7 -1.31 0.28 1.77
H5' 2PR A 7 3.16 0.26 -0.98
H5'' 2PR A 7 3.54 -0.75 -2.40
H4' 2PR A 7 2.44 -2.28 -1.18
H3' 2PR A 7 0.86 -1.53 -3.22
H2' 2PR A 7 -0.46 0.09 -2.06
H2'' 2PR A 7 -1.45 -1.34 -1.84
H1' 2PR A 7 -0.57 -1.79 0.35
H8 2PR A 7 -0.04 1.92 -0.70
H6 2PR A 7 -2.53 2.89 3.53
HN21 2PR A 7 -2.50 -2.32 4.20
HN22 2PR A 7 -3.21 -1.13 5.28
P 2PR A 7 2.69 2.09 -3.53
OP1 2PR A 7 1.69 3.13 -3.90
OP2 2PR A 7 3.42 1.37 -4.60
O5' 2PR A 7 1.96 1.01 -2.59
C5' 2PR A 7 2.72 0.11 -1.78
C4' 2PR A 7 1.84 -1.00 -1.26
O4' 2PR A 7 1.24 -0.58 -0.01
C3' 2PR A 7 0.67 -1.38 -2.17
O3' 2PR A 7 0.40 -2.79 -2.04
C2' 2PR A 7 -0.47 -0.54 -1.62
C1' 2PR A 7 -0.17 -0.54 -0.13
N9 2PR A 7 -0.66 0.64 0.58
C8 2PR A 7 -0.55 1.95 0.23
N7 2PR A 7 -1.12 2.78 1.10
C5 2PR A 7 -1.62 1.93 2.08
C6 2PR A 7 -2.33 2.18 3.26
N1 2PR A 7 -2.69 1.11 4.01
C2 2PR A 7 -2.35 -0.12 3.59
N2 2PR A 7 -2.75 -1.08 4.41
N3 2PR A 7 -1.69 -0.46 2.50
C4 2PR A 7 -1.35 0.61 1.78
H5' 2PR A 7 3.15 0.66 -0.94
H5'' 2PR A 7 3.53 -0.32 -2.37
H4' 2PR A 7 2.46 -1.89 -1.16
H3' 2PR A 7 0.89 -1.15 -3.21
H2' 2PR A 7 -0.45 0.47 -2.04
H2'' 2PR A 7 -1.43 -0.97 -1.85
H1' 2PR A 7 -0.58 -1.43 0.34
H8 2PR A 7 -0.06 2.30 -0.66
H6 2PR A 7 -2.59 3.19 3.55
HN21 2PR A 7 -2.55 -2.03 4.16
HN22 2PR A 7 -3.28 -0.84 5.24
P 2PR A 7 2.68 1.87 -3.62
OP1 2PR A 7 1.72 2.92 -4.02
OP2 2PR A 7 3.37 1.06 -4.65
O5' 2PR A 7 1.92 0.87 -2.64
C5' 2PR A 7 2.66 -0.02 -1.79
C4' 2PR A 7 1.75 -1.09 -1.23
O4' 2PR A 7 1.17 -0.63 0.02
C3' 2PR A 7 0.56 -1.46 -2.12
O3' 2PR A 7 0.27 -2.86 -1.99
C2' 2PR A 7 -0.56 -0.60 -1.57
C1' 2PR A 7 -0.24 -0.60 -0.09
N9 2PR A 7 -0.72 0.58 0.64
C8 2PR A 7 -0.61 1.90 0.28
N7 2PR A 7 -1.16 2.72 1.14
C5 2PR A 7 -1.66 1.89 2.13
C6 2PR A 7 -2.35 2.14 3.33
N1 2PR A 7 -2.71 1.08 4.08
C2 2PR A 7 -2.38 -0.15 3.67
N2 2PR A 7 -2.78 -1.11 4.49
N3 2PR A 7 -1.73 -0.51 2.57
C4 2PR A 7 -1.39 0.57 1.83
H5' 2PR A 7 3.08 0.55 -0.95
H5'' 2PR A 7 3.46 -0.50 -2.35
H4' 2PR A 7 2.34 -2.00 -1.12
H3' 2PR A 7 0.77 -1.24 -3.17
H2' 2PR A 7 -0.53 0.40 -2.00
H2'' 2PR A 7 -1.53 -1.03 -1.79
H1' 2PR A 7 -0.64 -1.49 0.39
H8 2PR A 7 -0.13 2.23 -0.63
H6 2PR A 7 -2.61 3.15 3.62
HN21 2PR A 7 -2.57 -2.06 4.24
HN22 2PR A 7 -3.29 -0.87 5.33
P 2PR A 7 2.86 1.78 -3.51
OP1 2PR A 7 1.87 2.83 -3.89
OP2 2PR A 7 3.60 1.06 -4.56
O5' 2PR A 7 2.11 0.71 -2.60
C5' 2PR A 7 2.85 -0.19 -1.77
C4' 2PR A 7 1.95 -1.29 -1.26
O4' 2PR A 7 1.35 -0.85 -0.01
C3' 2PR A 7 0.78 -1.66 -2.17
O3' 2PR A 7 0.49 -3.05 -2.05
C2' 2PR A 7 -0.36 -0.80 -1.64
C1' 2PR A 7 -0.07 -0.82 -0.15
N9 2PR A 7 -0.55 0.36 0.58
C8 2PR A 7 -0.43 1.68 0.23
N7 2PR A 7 -1.00 2.50 1.08
C5 2PR A 7 -1.52 1.66 2.06
C6 2PR A 7 -2.24 1.91 3.23
N1 2PR A 7 -2.61 0.85 3.99
C2 2PR A 7 -2.27 -0.38 3.57
N2 2PR A 7 -2.69 -1.34 4.38
N3 2PR A 7 -1.60 -0.73 2.48
C4 2PR A 7 -1.25 0.35 1.76
H5' 2PR A 7 3.27 0.36 -0.92
H5'' 2PR A 7 3.66 -0.63 -2.34
H4' 2PR A 7 2.56 -2.19 -1.15
H3' 2PR A 7 1.01 -1.43 -3.22
H2' 2PR A 7 -0.33 0.20 -2.05
H2'' 2PR A 7 -1.32 -1.24 -1.87
H1' 2PR A 7 -0.48 -1.71 0.32
H8 2PR A 7 0.07 2.02 -0.66
H6 2PR A 7 -2.50 2.93 3.53
HN21 2PR A 7 -2.48 -2.29 4.14
HN22 2PR A 7 -3.22 -1.11 5.21
#